data_7KGC
#
_entry.id   7KGC
#
_cell.length_a   81.950
_cell.length_b   81.950
_cell.length_c   129.391
_cell.angle_alpha   90.000
_cell.angle_beta   90.000
_cell.angle_gamma   120.000
#
_symmetry.space_group_name_H-M   'P 63'
#
loop_
_entity.id
_entity.type
_entity.pdbx_description
1 polymer 'Putative translation initiation inhibitor'
2 non-polymer 2-AMINO-2-HYDROXYMETHYL-PROPANE-1,3-DIOL
3 water water
#
_entity_poly.entity_id   1
_entity_poly.type   'polypeptide(L)'
_entity_poly.pdbx_seq_one_letter_code
;MSKVISTPDAPAAIGPYCQARLCDRTLYTSGIIGNDPHGGPNPETVEGQAELIMKSLDAMLKAAGYEKTDVVKCNCYLAD
IADFQKFNKIYADYFGDHKPCRCCIQAGKLPAGKLVELDAIAYK
;
_entity_poly.pdbx_strand_id   A,B,C,D
#
# COMPACT_ATOMS: atom_id res chain seq x y z
N MET A 1 25.69 9.04 20.07
CA MET A 1 25.11 9.59 21.30
C MET A 1 23.58 9.75 21.20
N SER A 2 23.02 9.59 20.00
CA SER A 2 21.57 9.61 19.85
C SER A 2 21.05 8.18 19.85
N LYS A 3 19.78 8.01 20.19
CA LYS A 3 19.15 6.71 20.27
C LYS A 3 18.23 6.53 19.08
N VAL A 4 18.33 5.39 18.40
CA VAL A 4 17.47 5.04 17.28
C VAL A 4 16.12 4.58 17.81
N ILE A 5 15.04 5.16 17.27
CA ILE A 5 13.67 4.83 17.70
C ILE A 5 13.03 4.02 16.57
N SER A 6 12.42 2.88 16.90
CA SER A 6 11.76 2.10 15.86
C SER A 6 10.41 1.63 16.38
N THR A 7 9.47 1.43 15.45
CA THR A 7 8.13 0.98 15.80
C THR A 7 7.56 0.16 14.67
N PRO A 8 6.80 -0.88 15.00
CA PRO A 8 6.12 -1.69 13.96
C PRO A 8 4.90 -1.04 13.37
N ASP A 9 4.46 0.08 13.95
CA ASP A 9 3.24 0.75 13.55
C ASP A 9 3.50 1.98 12.67
N ALA A 10 4.71 2.10 12.11
CA ALA A 10 5.08 3.04 11.05
C ALA A 10 5.86 2.28 9.98
N PRO A 11 5.84 2.69 8.70
CA PRO A 11 6.49 1.86 7.69
C PRO A 11 7.96 1.68 8.05
N ALA A 12 8.49 0.48 7.80
CA ALA A 12 9.85 0.17 8.23
C ALA A 12 10.85 0.96 7.37
N ALA A 13 11.98 1.31 7.96
CA ALA A 13 13.02 2.00 7.20
C ALA A 13 13.91 0.92 6.60
N ILE A 14 13.87 0.82 5.27
CA ILE A 14 14.67 -0.13 4.52
C ILE A 14 15.81 0.62 3.86
N GLY A 15 17.04 0.17 4.11
CA GLY A 15 18.21 0.78 3.55
C GLY A 15 18.88 1.63 4.63
N PRO A 16 19.63 2.58 4.23
CA PRO A 16 20.59 3.21 5.12
C PRO A 16 19.95 4.38 5.91
N TYR A 17 18.83 4.14 6.52
CA TYR A 17 18.20 5.17 7.36
C TYR A 17 17.34 4.48 8.40
N CYS A 18 16.95 5.24 9.44
CA CYS A 18 16.13 4.74 10.54
C CYS A 18 14.88 5.61 10.63
N GLN A 19 13.88 5.19 11.40
CA GLN A 19 12.60 5.90 11.43
C GLN A 19 12.73 7.24 12.13
N ALA A 20 13.42 7.23 13.29
CA ALA A 20 13.55 8.41 14.13
C ALA A 20 14.74 8.26 15.07
N ARG A 21 15.20 9.39 15.60
CA ARG A 21 16.38 9.40 16.45
C ARG A 21 16.20 10.45 17.52
N LEU A 22 16.51 10.07 18.75
CA LEU A 22 16.36 10.97 19.88
C LEU A 22 17.73 11.55 20.23
N CYS A 23 17.82 12.88 20.27
CA CYS A 23 19.08 13.62 20.52
C CYS A 23 18.86 14.53 21.72
N ASP A 24 19.22 14.01 22.89
CA ASP A 24 18.93 14.65 24.17
C ASP A 24 17.45 14.96 24.27
N ARG A 25 17.04 16.20 24.06
CA ARG A 25 15.62 16.53 24.21
C ARG A 25 14.87 16.54 22.87
N THR A 26 15.57 16.41 21.76
CA THR A 26 15.01 16.67 20.43
C THR A 26 14.87 15.34 19.70
N LEU A 27 13.66 15.06 19.16
CA LEU A 27 13.38 13.86 18.41
C LEU A 27 13.27 14.26 16.94
N TYR A 28 14.10 13.68 16.07
CA TYR A 28 13.96 13.85 14.62
C TYR A 28 13.35 12.62 13.99
N THR A 29 12.48 12.80 13.00
CA THR A 29 11.98 11.69 12.21
C THR A 29 12.53 11.79 10.81
N SER A 30 12.54 10.66 10.12
CA SER A 30 12.69 10.58 8.70
C SER A 30 11.40 11.07 8.01
N GLY A 31 11.48 11.22 6.69
CA GLY A 31 10.34 11.42 5.83
C GLY A 31 9.37 10.24 6.00
N ILE A 32 8.11 10.50 6.24
CA ILE A 32 7.08 9.46 6.43
C ILE A 32 6.14 9.54 5.23
N ILE A 33 5.96 8.42 4.53
CA ILE A 33 4.96 8.34 3.45
C ILE A 33 3.80 7.45 3.90
N GLY A 34 2.64 7.63 3.25
CA GLY A 34 1.38 7.06 3.74
C GLY A 34 1.21 5.61 3.31
N ASN A 35 2.19 4.78 3.61
CA ASN A 35 2.02 3.34 3.40
C ASN A 35 1.47 2.68 4.67
N ASP A 36 0.90 1.46 4.51
CA ASP A 36 0.30 0.76 5.64
C ASP A 36 1.36 -0.11 6.33
N PRO A 37 1.74 0.17 7.57
CA PRO A 37 2.76 -0.67 8.22
C PRO A 37 2.30 -2.11 8.41
N HIS A 38 1.00 -2.36 8.34
CA HIS A 38 0.43 -3.67 8.64
C HIS A 38 0.15 -4.50 7.38
N GLY A 39 0.58 -4.03 6.23
CA GLY A 39 0.65 -4.88 5.06
C GLY A 39 -0.62 -5.01 4.27
N GLY A 40 -1.64 -4.25 4.60
CA GLY A 40 -2.79 -4.07 3.73
C GLY A 40 -2.40 -3.22 2.54
N PRO A 41 -3.36 -2.86 1.72
CA PRO A 41 -3.02 -2.09 0.51
C PRO A 41 -2.66 -0.68 0.89
N ASN A 42 -1.79 -0.09 0.06
CA ASN A 42 -1.35 1.27 0.33
C ASN A 42 -2.34 2.24 -0.28
N PRO A 43 -2.88 3.18 0.46
CA PRO A 43 -3.95 4.03 -0.08
C PRO A 43 -3.49 4.89 -1.26
N GLU A 44 -4.42 5.18 -2.17
CA GLU A 44 -4.12 5.89 -3.40
C GLU A 44 -4.50 7.38 -3.35
N THR A 45 -5.30 7.79 -2.39
CA THR A 45 -5.71 9.18 -2.29
C THR A 45 -4.80 9.91 -1.31
N VAL A 46 -4.64 11.20 -1.54
CA VAL A 46 -3.88 12.02 -0.58
C VAL A 46 -4.56 11.99 0.79
N GLU A 47 -5.91 11.90 0.85
CA GLU A 47 -6.51 11.77 2.18
C GLU A 47 -6.09 10.47 2.87
N GLY A 48 -6.14 9.35 2.14
CA GLY A 48 -5.82 8.07 2.79
C GLY A 48 -4.35 8.04 3.18
N GLN A 49 -3.50 8.58 2.31
CA GLN A 49 -2.07 8.65 2.63
C GLN A 49 -1.82 9.50 3.86
N ALA A 50 -2.43 10.69 3.91
CA ALA A 50 -2.24 11.61 5.01
C ALA A 50 -2.72 11.02 6.32
N GLU A 51 -3.84 10.28 6.30
CA GLU A 51 -4.30 9.63 7.52
C GLU A 51 -3.25 8.67 8.04
N LEU A 52 -2.67 7.85 7.16
CA LEU A 52 -1.66 6.88 7.60
C LEU A 52 -0.40 7.58 8.09
N ILE A 53 0.02 8.66 7.40
CA ILE A 53 1.19 9.43 7.85
C ILE A 53 0.99 9.92 9.30
N MET A 54 -0.20 10.46 9.64
CA MET A 54 -0.36 10.95 11.02
C MET A 54 -0.33 9.82 12.07
N LYS A 55 -0.92 8.67 11.74
CA LYS A 55 -0.86 7.54 12.66
C LYS A 55 0.58 7.04 12.82
N SER A 56 1.32 6.96 11.71
CA SER A 56 2.72 6.55 11.74
C SER A 56 3.58 7.50 12.57
N LEU A 57 3.36 8.80 12.38
CA LEU A 57 4.02 9.78 13.25
C LEU A 57 3.65 9.56 14.71
N ASP A 58 2.35 9.37 14.97
CA ASP A 58 1.94 9.08 16.35
C ASP A 58 2.67 7.88 16.93
N ALA A 59 2.84 6.80 16.16
CA ALA A 59 3.54 5.61 16.69
C ALA A 59 5.00 5.90 16.98
N MET A 60 5.67 6.69 16.12
CA MET A 60 7.07 7.03 16.38
C MET A 60 7.22 7.88 17.62
N LEU A 61 6.34 8.88 17.79
CA LEU A 61 6.39 9.70 19.00
C LEU A 61 6.21 8.82 20.25
N LYS A 62 5.15 8.00 20.26
CA LYS A 62 4.90 7.11 21.40
C LYS A 62 6.08 6.19 21.69
N ALA A 63 6.70 5.62 20.64
CA ALA A 63 7.89 4.80 20.87
C ALA A 63 9.00 5.55 21.57
N ALA A 64 9.09 6.86 21.41
CA ALA A 64 10.15 7.63 22.04
C ALA A 64 9.75 8.17 23.40
N GLY A 65 8.54 7.90 23.87
CA GLY A 65 8.09 8.61 25.05
C GLY A 65 7.52 9.98 24.81
N TYR A 66 7.26 10.35 23.55
CA TYR A 66 6.73 11.67 23.20
C TYR A 66 5.25 11.54 22.87
N GLU A 67 4.58 12.67 22.73
CA GLU A 67 3.21 12.71 22.23
C GLU A 67 3.09 13.86 21.24
N LYS A 68 1.90 14.00 20.61
CA LYS A 68 1.77 15.00 19.53
C LYS A 68 1.92 16.44 20.03
N THR A 69 1.59 16.74 21.31
CA THR A 69 1.78 18.10 21.81
C THR A 69 3.25 18.46 21.98
N ASP A 70 4.16 17.51 21.76
CA ASP A 70 5.58 17.80 21.78
C ASP A 70 6.14 18.10 20.37
N VAL A 71 5.33 18.00 19.32
CA VAL A 71 5.88 18.28 17.97
C VAL A 71 6.06 19.78 17.82
N VAL A 72 7.24 20.20 17.35
CA VAL A 72 7.51 21.61 17.22
C VAL A 72 7.60 22.09 15.77
N LYS A 73 7.84 21.18 14.81
N LYS A 73 7.84 21.19 14.81
CA LYS A 73 8.03 21.52 13.39
CA LYS A 73 7.92 21.57 13.40
C LYS A 73 7.68 20.30 12.54
C LYS A 73 7.67 20.35 12.54
N CYS A 74 6.85 20.51 11.50
CA CYS A 74 6.68 19.53 10.45
C CYS A 74 7.08 20.18 9.14
N ASN A 75 7.76 19.45 8.31
CA ASN A 75 7.95 19.83 6.89
C ASN A 75 7.02 18.94 6.10
N CYS A 76 6.19 19.53 5.23
N CYS A 76 6.25 19.59 5.22
CA CYS A 76 5.20 18.75 4.50
CA CYS A 76 5.21 18.99 4.40
C CYS A 76 5.42 19.02 3.02
C CYS A 76 5.64 19.04 2.95
N TYR A 77 5.44 17.94 2.21
CA TYR A 77 5.79 17.95 0.80
C TYR A 77 4.63 17.29 0.09
N LEU A 78 4.07 17.98 -0.92
CA LEU A 78 2.92 17.46 -1.65
C LEU A 78 3.34 17.20 -3.09
N ALA A 79 2.74 16.17 -3.71
CA ALA A 79 2.90 16.07 -5.16
C ALA A 79 2.13 17.17 -5.91
N ASP A 80 1.06 17.68 -5.32
CA ASP A 80 0.20 18.68 -5.99
C ASP A 80 -0.22 19.67 -4.94
N ILE A 81 0.21 20.92 -5.10
CA ILE A 81 -0.06 21.93 -4.09
C ILE A 81 -1.58 22.14 -4.00
N ALA A 82 -2.32 21.68 -5.01
CA ALA A 82 -3.79 21.82 -4.95
C ALA A 82 -4.41 20.88 -3.93
N ASP A 83 -3.64 19.88 -3.47
CA ASP A 83 -4.10 18.97 -2.42
C ASP A 83 -3.86 19.51 -1.03
N PHE A 84 -3.44 20.76 -0.92
CA PHE A 84 -3.09 21.27 0.40
C PHE A 84 -4.29 21.27 1.35
N GLN A 85 -5.47 21.73 0.91
N GLN A 85 -5.46 21.74 0.88
CA GLN A 85 -6.53 21.77 1.91
CA GLN A 85 -6.61 21.78 1.78
C GLN A 85 -6.99 20.37 2.33
C GLN A 85 -6.99 20.39 2.29
N LYS A 86 -6.92 19.38 1.45
CA LYS A 86 -7.24 18.01 1.87
C LYS A 86 -6.27 17.53 2.94
N PHE A 87 -4.98 17.70 2.68
CA PHE A 87 -3.95 17.35 3.66
C PHE A 87 -4.15 18.10 4.94
N ASN A 88 -4.34 19.42 4.82
CA ASN A 88 -4.39 20.30 5.98
C ASN A 88 -5.53 19.93 6.90
N LYS A 89 -6.68 19.53 6.35
CA LYS A 89 -7.80 19.15 7.23
CA LYS A 89 -7.79 19.15 7.24
C LYS A 89 -7.42 17.96 8.12
N ILE A 90 -6.74 16.98 7.55
CA ILE A 90 -6.40 15.75 8.25
C ILE A 90 -5.28 15.99 9.23
N TYR A 91 -4.32 16.82 8.83
CA TYR A 91 -3.25 17.27 9.74
C TYR A 91 -3.83 17.97 10.96
N ALA A 92 -4.74 18.92 10.73
CA ALA A 92 -5.41 19.66 11.82
C ALA A 92 -6.21 18.77 12.76
N ASP A 93 -6.95 17.82 12.19
CA ASP A 93 -7.69 16.82 12.94
C ASP A 93 -6.77 16.07 13.89
N TYR A 94 -5.60 15.65 13.41
CA TYR A 94 -4.67 14.91 14.26
C TYR A 94 -4.15 15.78 15.40
N PHE A 95 -3.70 17.00 15.09
CA PHE A 95 -3.04 17.83 16.07
C PHE A 95 -4.00 18.51 17.04
N GLY A 96 -5.30 18.60 16.68
CA GLY A 96 -6.25 19.35 17.55
C GLY A 96 -5.91 20.82 17.64
N ASP A 97 -5.83 21.34 18.86
N ASP A 97 -5.85 21.33 18.86
CA ASP A 97 -5.47 22.73 19.09
CA ASP A 97 -5.50 22.71 19.09
C ASP A 97 -3.96 22.93 19.27
C ASP A 97 -3.99 22.95 19.04
N HIS A 98 -3.16 21.90 19.03
CA HIS A 98 -1.71 22.08 19.13
C HIS A 98 -1.20 22.52 17.75
N LYS A 99 -0.34 23.55 17.73
CA LYS A 99 0.13 24.14 16.46
C LYS A 99 1.65 24.12 16.35
N PRO A 100 2.24 23.06 15.79
CA PRO A 100 3.68 23.10 15.43
C PRO A 100 3.96 24.18 14.42
N CYS A 101 5.22 24.55 14.30
CA CYS A 101 5.64 25.27 13.09
C CYS A 101 5.49 24.35 11.91
N ARG A 102 5.41 24.93 10.71
CA ARG A 102 5.22 24.08 9.53
C ARG A 102 5.79 24.78 8.31
N CYS A 103 6.34 23.99 7.42
CA CYS A 103 6.80 24.46 6.11
C CYS A 103 6.24 23.45 5.11
N CYS A 104 5.47 23.93 4.17
N CYS A 104 5.46 23.88 4.13
CA CYS A 104 4.81 23.13 3.14
CA CYS A 104 4.84 22.94 3.20
C CYS A 104 5.26 23.59 1.77
C CYS A 104 4.96 23.47 1.77
N ILE A 105 5.54 22.65 0.88
CA ILE A 105 5.77 22.97 -0.53
C ILE A 105 5.25 21.83 -1.37
N GLN A 106 5.12 22.10 -2.66
CA GLN A 106 4.99 21.02 -3.63
C GLN A 106 6.38 20.59 -4.05
N ALA A 107 6.69 19.29 -3.91
CA ALA A 107 7.93 18.73 -4.44
C ALA A 107 7.88 18.63 -5.98
N GLY A 108 9.06 18.48 -6.60
CA GLY A 108 9.09 18.04 -8.00
C GLY A 108 8.40 16.70 -8.17
N LYS A 109 8.76 15.74 -7.33
CA LYS A 109 8.15 14.41 -7.29
C LYS A 109 8.46 13.84 -5.93
N LEU A 110 7.68 12.87 -5.47
CA LEU A 110 7.96 12.21 -4.20
C LEU A 110 8.40 10.77 -4.41
N PRO A 111 9.01 10.12 -3.39
CA PRO A 111 9.42 8.71 -3.53
C PRO A 111 8.21 7.86 -3.88
N ALA A 112 8.42 6.86 -4.75
CA ALA A 112 7.41 5.85 -5.13
C ALA A 112 6.09 6.47 -5.58
N GLY A 113 6.14 7.66 -6.17
CA GLY A 113 4.92 8.28 -6.68
C GLY A 113 3.87 8.55 -5.61
N LYS A 114 4.29 8.71 -4.36
CA LYS A 114 3.36 9.10 -3.30
C LYS A 114 2.89 10.54 -3.52
N LEU A 115 1.82 10.92 -2.83
CA LEU A 115 1.21 12.26 -2.99
C LEU A 115 1.53 13.20 -1.83
N VAL A 116 2.08 12.68 -0.74
CA VAL A 116 2.39 13.50 0.43
C VAL A 116 3.50 12.81 1.23
N GLU A 117 4.39 13.63 1.78
CA GLU A 117 5.44 13.14 2.65
C GLU A 117 5.62 14.16 3.77
N LEU A 118 5.91 13.69 4.98
CA LEU A 118 6.08 14.61 6.09
C LEU A 118 7.25 14.16 6.94
N ASP A 119 8.00 15.11 7.54
CA ASP A 119 8.94 14.73 8.59
C ASP A 119 8.73 15.69 9.76
N ALA A 120 9.21 15.36 10.94
CA ALA A 120 8.78 16.09 12.14
C ALA A 120 10.00 16.24 13.06
N ILE A 121 9.98 17.30 13.84
CA ILE A 121 10.89 17.45 14.96
C ILE A 121 10.00 17.63 16.18
N ALA A 122 10.33 16.93 17.27
CA ALA A 122 9.57 17.05 18.51
C ALA A 122 10.56 17.44 19.61
N TYR A 123 10.03 18.05 20.66
CA TYR A 123 10.93 18.57 21.71
C TYR A 123 10.19 18.49 23.03
N LYS A 124 10.86 17.99 24.07
CA LYS A 124 10.22 18.21 25.38
C LYS A 124 11.30 18.36 26.44
N MET B 1 -34.58 -13.67 -15.26
CA MET B 1 -34.52 -12.69 -16.35
C MET B 1 -33.51 -11.56 -16.09
N SER B 2 -32.93 -11.55 -14.89
CA SER B 2 -31.82 -10.65 -14.60
C SER B 2 -30.50 -11.38 -14.81
N LYS B 3 -29.45 -10.62 -15.06
CA LYS B 3 -28.14 -11.16 -15.38
C LYS B 3 -27.21 -10.92 -14.21
N VAL B 4 -26.44 -11.95 -13.86
CA VAL B 4 -25.48 -11.87 -12.74
C VAL B 4 -24.21 -11.21 -13.24
N ILE B 5 -23.72 -10.22 -12.52
CA ILE B 5 -22.49 -9.49 -12.85
C ILE B 5 -21.41 -9.92 -11.85
N SER B 6 -20.25 -10.35 -12.35
CA SER B 6 -19.19 -10.83 -11.48
C SER B 6 -17.86 -10.27 -11.95
N THR B 7 -17.01 -9.87 -11.01
CA THR B 7 -15.73 -9.26 -11.29
C THR B 7 -14.78 -9.74 -10.19
N PRO B 8 -13.57 -10.14 -10.54
CA PRO B 8 -12.56 -10.42 -9.51
C PRO B 8 -12.02 -9.17 -8.84
N ASP B 9 -12.38 -7.97 -9.32
CA ASP B 9 -11.86 -6.74 -8.72
C ASP B 9 -12.81 -6.13 -7.66
N ALA B 10 -13.76 -6.89 -7.14
CA ALA B 10 -14.48 -6.57 -5.91
C ALA B 10 -14.57 -7.82 -5.04
N PRO B 11 -14.86 -7.67 -3.74
CA PRO B 11 -14.92 -8.86 -2.86
C PRO B 11 -16.12 -9.76 -3.17
N ALA B 12 -15.96 -11.03 -2.80
CA ALA B 12 -17.08 -11.96 -2.70
C ALA B 12 -17.51 -12.14 -1.24
N ALA B 13 -18.73 -12.64 -1.07
CA ALA B 13 -19.33 -12.93 0.24
C ALA B 13 -19.84 -14.36 0.25
N ILE B 14 -20.22 -14.85 1.44
CA ILE B 14 -20.77 -16.21 1.58
C ILE B 14 -22.05 -16.35 0.77
N GLY B 15 -22.19 -17.47 0.04
CA GLY B 15 -23.38 -17.66 -0.80
C GLY B 15 -24.62 -17.98 0.06
N PRO B 16 -25.83 -17.96 -0.53
CA PRO B 16 -26.16 -17.66 -1.92
C PRO B 16 -26.12 -16.15 -2.08
N TYR B 17 -25.22 -15.67 -2.95
CA TYR B 17 -24.82 -14.26 -3.02
C TYR B 17 -24.27 -13.99 -4.41
N CYS B 18 -24.58 -12.81 -4.96
CA CYS B 18 -23.83 -12.33 -6.13
C CYS B 18 -23.48 -10.87 -5.93
N GLN B 19 -22.50 -10.40 -6.69
CA GLN B 19 -22.00 -9.04 -6.46
C GLN B 19 -23.00 -7.99 -6.96
N ALA B 20 -23.61 -8.23 -8.12
CA ALA B 20 -24.50 -7.26 -8.73
C ALA B 20 -25.37 -8.02 -9.72
N ARG B 21 -26.53 -7.42 -10.02
CA ARG B 21 -27.47 -7.98 -10.99
C ARG B 21 -28.07 -6.88 -11.86
N LEU B 22 -28.15 -7.17 -13.15
CA LEU B 22 -28.63 -6.21 -14.14
C LEU B 22 -30.05 -6.61 -14.50
N CYS B 23 -31.01 -5.72 -14.31
CA CYS B 23 -32.45 -5.92 -14.54
C CYS B 23 -32.87 -4.88 -15.57
N ASP B 24 -32.88 -5.28 -16.83
CA ASP B 24 -33.25 -4.34 -17.92
C ASP B 24 -32.28 -3.17 -17.90
N ARG B 25 -32.74 -2.01 -17.43
CA ARG B 25 -31.85 -0.83 -17.43
C ARG B 25 -31.21 -0.55 -16.07
N THR B 26 -31.61 -1.26 -15.04
CA THR B 26 -31.19 -0.94 -13.66
C THR B 26 -30.22 -2.00 -13.18
N LEU B 27 -29.11 -1.55 -12.60
CA LEU B 27 -28.10 -2.41 -11.98
C LEU B 27 -28.19 -2.25 -10.46
N TYR B 28 -28.40 -3.34 -9.74
CA TYR B 28 -28.29 -3.37 -8.29
C TYR B 28 -26.96 -3.99 -7.86
N THR B 29 -26.36 -3.47 -6.79
CA THR B 29 -25.20 -4.13 -6.20
C THR B 29 -25.58 -4.69 -4.84
N SER B 30 -24.76 -5.64 -4.40
CA SER B 30 -24.82 -6.06 -2.99
C SER B 30 -24.14 -5.00 -2.14
N GLY B 31 -24.21 -5.15 -0.82
CA GLY B 31 -23.45 -4.29 0.09
C GLY B 31 -21.96 -4.57 -0.09
N ILE B 32 -21.18 -3.51 -0.25
CA ILE B 32 -19.78 -3.59 -0.63
C ILE B 32 -18.98 -3.20 0.61
N ILE B 33 -18.05 -4.05 1.01
CA ILE B 33 -17.24 -3.81 2.21
C ILE B 33 -15.83 -3.49 1.76
N GLY B 34 -15.07 -2.77 2.59
CA GLY B 34 -13.74 -2.37 2.18
C GLY B 34 -12.64 -3.41 2.31
N ASN B 35 -12.85 -4.59 1.75
CA ASN B 35 -11.82 -5.64 1.78
C ASN B 35 -11.02 -5.64 0.49
N ASP B 36 -9.77 -6.05 0.59
CA ASP B 36 -8.93 -6.15 -0.57
C ASP B 36 -9.40 -7.35 -1.40
N PRO B 37 -9.97 -7.15 -2.60
CA PRO B 37 -10.43 -8.32 -3.38
C PRO B 37 -9.29 -9.23 -3.82
N HIS B 38 -8.05 -8.76 -3.73
CA HIS B 38 -6.86 -9.47 -4.17
C HIS B 38 -5.96 -9.90 -2.99
N GLY B 39 -6.57 -10.18 -1.85
CA GLY B 39 -5.99 -11.17 -0.99
C GLY B 39 -5.60 -10.86 0.43
N GLY B 40 -4.76 -9.84 0.63
CA GLY B 40 -4.06 -9.67 1.91
C GLY B 40 -4.91 -8.99 2.96
N PRO B 41 -4.27 -8.49 4.01
CA PRO B 41 -4.98 -7.78 5.07
C PRO B 41 -5.76 -6.59 4.54
N ASN B 42 -6.75 -6.19 5.28
CA ASN B 42 -7.62 -5.13 4.83
C ASN B 42 -7.25 -3.79 5.50
N PRO B 43 -7.62 -2.69 4.87
CA PRO B 43 -7.25 -1.37 5.39
C PRO B 43 -7.90 -1.15 6.73
N GLU B 44 -7.23 -0.34 7.55
CA GLU B 44 -7.69 -0.03 8.89
C GLU B 44 -8.38 1.32 9.02
N THR B 45 -8.31 2.21 8.05
CA THR B 45 -8.93 3.51 8.23
C THR B 45 -10.21 3.58 7.42
N VAL B 46 -11.10 4.51 7.78
CA VAL B 46 -12.33 4.61 7.01
CA VAL B 46 -12.34 4.69 7.02
C VAL B 46 -12.00 5.01 5.57
N GLU B 47 -11.00 5.90 5.37
CA GLU B 47 -10.63 6.31 4.01
C GLU B 47 -10.08 5.14 3.20
N GLY B 48 -9.23 4.30 3.81
CA GLY B 48 -8.68 3.18 3.05
C GLY B 48 -9.74 2.13 2.72
N GLN B 49 -10.65 1.88 3.66
CA GLN B 49 -11.79 1.02 3.34
C GLN B 49 -12.69 1.68 2.30
N ALA B 50 -12.94 3.01 2.41
CA ALA B 50 -13.76 3.71 1.42
C ALA B 50 -13.13 3.68 0.03
N GLU B 51 -11.79 3.76 -0.06
CA GLU B 51 -11.17 3.69 -1.38
C GLU B 51 -11.49 2.37 -2.05
N LEU B 52 -11.29 1.28 -1.33
CA LEU B 52 -11.55 -0.03 -1.92
C LEU B 52 -13.02 -0.20 -2.32
N ILE B 53 -13.93 0.27 -1.48
CA ILE B 53 -15.37 0.22 -1.82
C ILE B 53 -15.61 0.90 -3.18
N MET B 54 -15.10 2.14 -3.36
CA MET B 54 -15.34 2.82 -4.61
CA MET B 54 -15.32 2.84 -4.61
C MET B 54 -14.69 2.09 -5.79
N LYS B 55 -13.45 1.58 -5.63
CA LYS B 55 -12.85 0.78 -6.71
C LYS B 55 -13.64 -0.51 -6.98
N SER B 56 -14.14 -1.17 -5.94
CA SER B 56 -14.99 -2.34 -6.17
C SER B 56 -16.25 -1.97 -6.94
N LEU B 57 -16.92 -0.89 -6.55
CA LEU B 57 -18.11 -0.43 -7.27
C LEU B 57 -17.75 -0.14 -8.73
N ASP B 58 -16.66 0.61 -8.94
CA ASP B 58 -16.25 0.90 -10.30
C ASP B 58 -16.06 -0.40 -11.11
N ALA B 59 -15.51 -1.42 -10.48
CA ALA B 59 -15.30 -2.67 -11.21
C ALA B 59 -16.62 -3.37 -11.53
N MET B 60 -17.60 -3.29 -10.63
CA MET B 60 -18.92 -3.87 -10.91
C MET B 60 -19.62 -3.12 -12.03
N LEU B 61 -19.62 -1.78 -11.95
CA LEU B 61 -20.20 -0.95 -13.01
C LEU B 61 -19.56 -1.30 -14.34
N LYS B 62 -18.24 -1.32 -14.39
CA LYS B 62 -17.61 -1.56 -15.69
C LYS B 62 -17.90 -2.95 -16.25
N ALA B 63 -17.91 -3.97 -15.41
CA ALA B 63 -18.24 -5.33 -15.85
C ALA B 63 -19.65 -5.43 -16.43
N ALA B 64 -20.55 -4.52 -16.06
CA ALA B 64 -21.90 -4.49 -16.60
C ALA B 64 -22.04 -3.54 -17.77
N GLY B 65 -20.99 -2.82 -18.16
CA GLY B 65 -21.12 -1.83 -19.20
C GLY B 65 -21.54 -0.46 -18.71
N TYR B 66 -21.46 -0.22 -17.40
CA TYR B 66 -21.87 1.06 -16.84
C TYR B 66 -20.65 1.88 -16.47
N GLU B 67 -20.90 3.12 -16.11
CA GLU B 67 -19.89 4.06 -15.60
C GLU B 67 -20.42 4.69 -14.32
N LYS B 68 -19.50 5.34 -13.57
CA LYS B 68 -19.90 6.02 -12.35
C LYS B 68 -21.00 7.07 -12.57
N THR B 69 -21.02 7.77 -13.72
CA THR B 69 -22.09 8.72 -14.03
C THR B 69 -23.47 8.06 -14.23
N ASP B 70 -23.58 6.73 -14.26
CA ASP B 70 -24.90 6.07 -14.22
C ASP B 70 -25.42 5.77 -12.81
N VAL B 71 -24.62 6.00 -11.75
CA VAL B 71 -25.08 5.70 -10.38
C VAL B 71 -26.13 6.70 -9.97
N VAL B 72 -27.30 6.19 -9.59
CA VAL B 72 -28.37 7.08 -9.21
C VAL B 72 -28.63 7.10 -7.74
N LYS B 73 -28.21 6.08 -6.99
CA LYS B 73 -28.50 6.06 -5.56
C LYS B 73 -27.40 5.25 -4.87
N CYS B 74 -26.88 5.77 -3.76
CA CYS B 74 -26.01 4.98 -2.88
C CYS B 74 -26.60 4.98 -1.48
N ASN B 75 -26.62 3.82 -0.84
CA ASN B 75 -26.91 3.70 0.60
C ASN B 75 -25.60 3.46 1.29
N CYS B 76 -25.29 4.29 2.31
N CYS B 76 -25.25 4.30 2.28
CA CYS B 76 -24.01 4.18 3.02
CA CYS B 76 -23.99 4.06 2.98
C CYS B 76 -24.27 3.91 4.49
C CYS B 76 -24.24 3.90 4.46
N TYR B 77 -23.51 2.97 5.05
CA TYR B 77 -23.74 2.53 6.43
C TYR B 77 -22.40 2.66 7.12
N LEU B 78 -22.36 3.40 8.23
CA LEU B 78 -21.11 3.70 8.91
C LEU B 78 -21.11 2.99 10.24
N ALA B 79 -19.91 2.59 10.70
CA ALA B 79 -19.81 2.10 12.06
C ALA B 79 -19.97 3.22 13.06
N ASP B 80 -19.55 4.43 12.69
CA ASP B 80 -19.57 5.59 13.57
C ASP B 80 -19.97 6.79 12.74
N ILE B 81 -21.13 7.40 13.09
CA ILE B 81 -21.64 8.55 12.30
C ILE B 81 -20.57 9.64 12.22
N ALA B 82 -19.67 9.70 13.20
CA ALA B 82 -18.62 10.71 13.27
C ALA B 82 -17.69 10.63 12.07
N ASP B 83 -17.59 9.46 11.43
CA ASP B 83 -16.74 9.25 10.27
C ASP B 83 -17.36 9.72 8.96
N PHE B 84 -18.54 10.32 8.99
CA PHE B 84 -19.20 10.63 7.72
C PHE B 84 -18.37 11.61 6.87
N GLN B 85 -17.86 12.69 7.46
CA GLN B 85 -17.15 13.68 6.63
C GLN B 85 -15.89 13.07 6.00
N LYS B 86 -15.14 12.29 6.77
CA LYS B 86 -13.99 11.60 6.21
C LYS B 86 -14.40 10.64 5.08
N PHE B 87 -15.38 9.78 5.34
CA PHE B 87 -15.89 8.93 4.27
C PHE B 87 -16.26 9.76 3.05
N ASN B 88 -16.96 10.85 3.29
CA ASN B 88 -17.47 11.64 2.17
C ASN B 88 -16.38 12.24 1.30
N LYS B 89 -15.19 12.49 1.86
CA LYS B 89 -14.09 12.94 1.00
C LYS B 89 -13.78 11.93 -0.09
N ILE B 90 -13.68 10.67 0.28
CA ILE B 90 -13.33 9.62 -0.69
C ILE B 90 -14.48 9.43 -1.70
N TYR B 91 -15.71 9.32 -1.20
CA TYR B 91 -16.89 9.25 -2.09
C TYR B 91 -16.93 10.36 -3.15
N ALA B 92 -16.70 11.60 -2.73
CA ALA B 92 -16.63 12.75 -3.64
C ALA B 92 -15.44 12.68 -4.59
N ASP B 93 -14.30 12.20 -4.12
CA ASP B 93 -13.15 11.97 -4.99
C ASP B 93 -13.55 11.06 -6.15
N TYR B 94 -14.27 10.00 -5.84
CA TYR B 94 -14.66 9.05 -6.88
C TYR B 94 -15.70 9.66 -7.81
N PHE B 95 -16.77 10.26 -7.25
CA PHE B 95 -17.89 10.67 -8.10
C PHE B 95 -17.65 12.02 -8.75
N GLY B 96 -16.72 12.82 -8.20
CA GLY B 96 -16.37 14.07 -8.88
C GLY B 96 -17.59 14.96 -8.88
N ASP B 97 -17.95 15.46 -10.07
CA ASP B 97 -19.10 16.32 -10.26
C ASP B 97 -20.42 15.54 -10.32
N HIS B 98 -20.37 14.23 -10.40
CA HIS B 98 -21.61 13.46 -10.51
C HIS B 98 -22.26 13.33 -9.13
N LYS B 99 -23.60 13.50 -9.09
CA LYS B 99 -24.35 13.56 -7.84
C LYS B 99 -25.46 12.53 -7.71
N PRO B 100 -25.16 11.32 -7.23
CA PRO B 100 -26.22 10.35 -6.92
C PRO B 100 -27.08 10.83 -5.77
N CYS B 101 -28.29 10.27 -5.68
CA CYS B 101 -29.00 10.34 -4.40
C CYS B 101 -28.20 9.58 -3.35
N ARG B 102 -28.35 9.99 -2.09
CA ARG B 102 -27.64 9.29 -1.02
C ARG B 102 -28.47 9.15 0.24
N CYS B 103 -28.37 7.97 0.86
CA CYS B 103 -28.95 7.71 2.19
CA CYS B 103 -28.94 7.70 2.17
C CYS B 103 -27.84 7.16 3.05
N CYS B 104 -27.52 7.83 4.16
N CYS B 104 -27.50 7.86 4.13
CA CYS B 104 -26.39 7.42 4.98
CA CYS B 104 -26.45 7.35 5.00
C CYS B 104 -26.78 7.42 6.47
C CYS B 104 -26.90 7.36 6.44
N ILE B 105 -26.63 6.27 7.14
CA ILE B 105 -26.90 6.18 8.57
C ILE B 105 -25.71 5.52 9.23
N GLN B 106 -25.69 5.58 10.56
CA GLN B 106 -24.80 4.72 11.30
C GLN B 106 -25.54 3.42 11.54
N ALA B 107 -24.90 2.30 11.19
CA ALA B 107 -25.48 0.99 11.43
C ALA B 107 -25.42 0.70 12.92
N GLY B 108 -26.33 -0.16 13.40
CA GLY B 108 -26.12 -0.72 14.73
C GLY B 108 -24.73 -1.32 14.88
N LYS B 109 -24.38 -2.18 13.93
CA LYS B 109 -23.05 -2.73 13.87
C LYS B 109 -22.82 -3.23 12.47
N LEU B 110 -21.57 -3.18 12.02
CA LEU B 110 -21.17 -3.84 10.81
C LEU B 110 -20.28 -5.03 11.20
N PRO B 111 -19.89 -5.84 10.25
CA PRO B 111 -18.86 -6.87 10.49
C PRO B 111 -17.55 -6.36 11.10
N ALA B 112 -16.98 -7.18 11.98
CA ALA B 112 -15.89 -6.74 12.83
C ALA B 112 -14.79 -6.11 12.00
N GLY B 113 -14.33 -4.96 12.44
CA GLY B 113 -13.28 -4.23 11.78
C GLY B 113 -13.73 -3.32 10.65
N LYS B 114 -15.00 -3.47 10.17
CA LYS B 114 -15.48 -2.71 9.03
C LYS B 114 -16.15 -1.43 9.49
N LEU B 115 -15.70 -0.32 8.92
CA LEU B 115 -16.15 1.01 9.32
C LEU B 115 -17.17 1.60 8.35
N VAL B 116 -17.37 0.98 7.20
CA VAL B 116 -18.30 1.52 6.21
C VAL B 116 -18.71 0.41 5.27
N GLU B 117 -19.98 0.46 4.83
CA GLU B 117 -20.49 -0.46 3.84
C GLU B 117 -21.38 0.37 2.91
N LEU B 118 -21.38 0.03 1.62
CA LEU B 118 -22.14 0.83 0.65
C LEU B 118 -22.79 -0.11 -0.38
N ASP B 119 -24.05 0.16 -0.78
CA ASP B 119 -24.61 -0.49 -1.98
C ASP B 119 -25.12 0.59 -2.92
N ALA B 120 -25.29 0.21 -4.18
CA ALA B 120 -25.60 1.23 -5.17
C ALA B 120 -26.71 0.76 -6.11
N ILE B 121 -27.35 1.72 -6.74
CA ILE B 121 -28.27 1.45 -7.87
C ILE B 121 -27.75 2.32 -9.00
N ALA B 122 -27.60 1.74 -10.20
CA ALA B 122 -27.20 2.46 -11.40
C ALA B 122 -28.29 2.28 -12.46
N TYR B 123 -28.35 3.21 -13.42
CA TYR B 123 -29.44 3.21 -14.38
C TYR B 123 -28.89 3.87 -15.62
N LYS B 124 -29.21 3.32 -16.78
CA LYS B 124 -28.92 4.06 -18.03
C LYS B 124 -29.86 3.65 -19.15
N MET C 1 16.32 -31.20 -18.53
CA MET C 1 15.71 -30.33 -19.53
C MET C 1 15.30 -28.99 -18.94
N SER C 2 15.82 -28.65 -17.77
CA SER C 2 15.59 -27.36 -17.15
C SER C 2 16.78 -26.44 -17.36
N LYS C 3 16.49 -25.15 -17.61
CA LYS C 3 17.52 -24.14 -17.83
C LYS C 3 18.07 -23.60 -16.52
N VAL C 4 19.39 -23.48 -16.43
CA VAL C 4 20.01 -22.95 -15.22
C VAL C 4 20.02 -21.42 -15.29
N ILE C 5 19.83 -20.78 -14.15
CA ILE C 5 19.80 -19.32 -14.05
C ILE C 5 20.85 -18.90 -13.03
N SER C 6 21.70 -17.94 -13.41
CA SER C 6 22.79 -17.49 -12.53
C SER C 6 22.99 -15.99 -12.71
N THR C 7 23.25 -15.30 -11.59
CA THR C 7 23.50 -13.87 -11.54
C THR C 7 24.59 -13.65 -10.50
N PRO C 8 25.55 -12.76 -10.79
CA PRO C 8 26.60 -12.42 -9.81
C PRO C 8 26.13 -11.48 -8.71
N ASP C 9 24.92 -10.94 -8.82
CA ASP C 9 24.33 -10.07 -7.83
C ASP C 9 23.47 -10.83 -6.81
N ALA C 10 23.45 -12.16 -6.86
CA ALA C 10 22.88 -13.02 -5.82
C ALA C 10 23.98 -13.93 -5.29
N PRO C 11 23.96 -14.29 -4.01
CA PRO C 11 25.14 -14.93 -3.41
C PRO C 11 25.48 -16.22 -4.13
N ALA C 12 26.77 -16.55 -4.12
CA ALA C 12 27.22 -17.79 -4.71
C ALA C 12 26.70 -18.96 -3.87
N ALA C 13 26.32 -20.03 -4.56
CA ALA C 13 25.90 -21.26 -3.88
C ALA C 13 26.87 -21.68 -2.79
N ILE C 14 26.36 -21.82 -1.56
CA ILE C 14 27.16 -22.27 -0.43
C ILE C 14 27.20 -23.79 -0.33
N GLY C 15 26.53 -24.50 -1.23
CA GLY C 15 26.45 -25.93 -1.22
C GLY C 15 26.18 -26.42 -2.62
N PRO C 16 25.87 -27.87 -2.76
CA PRO C 16 25.70 -28.52 -4.08
C PRO C 16 24.36 -28.18 -4.73
N TYR C 17 24.17 -26.91 -5.05
CA TYR C 17 22.92 -26.49 -5.68
C TYR C 17 23.25 -25.27 -6.52
N CYS C 18 22.34 -24.91 -7.41
CA CYS C 18 22.42 -23.70 -8.20
C CYS C 18 21.49 -22.65 -7.60
N GLN C 19 21.47 -21.47 -8.23
CA GLN C 19 20.66 -20.35 -7.74
C GLN C 19 19.16 -20.48 -8.13
N ALA C 20 18.87 -20.69 -9.41
CA ALA C 20 17.51 -20.90 -9.89
C ALA C 20 17.51 -21.78 -11.13
N ARG C 21 16.35 -22.38 -11.42
CA ARG C 21 16.15 -23.24 -12.58
C ARG C 21 14.72 -23.12 -13.11
N LEU C 22 14.52 -23.58 -14.35
CA LEU C 22 13.28 -23.28 -15.06
C LEU C 22 12.67 -24.48 -15.76
N CYS C 23 11.37 -24.65 -15.54
CA CYS C 23 10.52 -25.70 -16.10
C CYS C 23 9.28 -25.00 -16.67
N ASP C 24 9.33 -24.62 -17.96
CA ASP C 24 8.17 -24.05 -18.66
C ASP C 24 7.80 -22.69 -18.08
N ARG C 25 6.66 -22.60 -17.39
CA ARG C 25 6.13 -21.33 -16.93
C ARG C 25 6.25 -21.14 -15.41
N THR C 26 7.12 -21.89 -14.74
CA THR C 26 7.22 -21.90 -13.29
C THR C 26 8.68 -21.82 -12.87
N LEU C 27 9.07 -20.74 -12.19
CA LEU C 27 10.44 -20.58 -11.71
C LEU C 27 10.63 -21.16 -10.33
N TYR C 28 11.75 -21.83 -10.15
CA TYR C 28 12.15 -22.37 -8.86
C TYR C 28 13.42 -21.67 -8.44
N THR C 29 13.51 -21.42 -7.15
CA THR C 29 14.60 -20.72 -6.50
C THR C 29 15.15 -21.62 -5.41
N SER C 30 16.44 -21.57 -5.18
CA SER C 30 16.97 -22.15 -3.96
C SER C 30 16.62 -21.26 -2.78
N GLY C 31 16.79 -21.80 -1.59
CA GLY C 31 16.93 -20.99 -0.40
C GLY C 31 17.92 -19.87 -0.66
N ILE C 32 17.53 -18.64 -0.35
CA ILE C 32 18.38 -17.46 -0.47
C ILE C 32 18.72 -16.96 0.93
N ILE C 33 20.01 -16.73 1.16
CA ILE C 33 20.52 -16.27 2.45
C ILE C 33 20.90 -14.80 2.36
N GLY C 34 20.89 -14.13 3.52
CA GLY C 34 21.25 -12.72 3.63
C GLY C 34 22.75 -12.40 3.65
N ASN C 35 23.48 -12.82 2.61
CA ASN C 35 24.90 -12.55 2.46
C ASN C 35 25.13 -11.63 1.26
N ASP C 36 26.17 -10.78 1.37
CA ASP C 36 26.51 -9.88 0.27
C ASP C 36 27.10 -10.70 -0.89
N PRO C 37 26.57 -10.56 -2.11
CA PRO C 37 27.13 -11.32 -3.24
C PRO C 37 28.45 -10.77 -3.77
N HIS C 38 28.84 -9.56 -3.35
CA HIS C 38 30.08 -8.92 -3.77
C HIS C 38 31.12 -8.94 -2.66
N GLY C 39 31.13 -10.01 -1.87
CA GLY C 39 32.13 -10.21 -0.84
C GLY C 39 32.13 -9.17 0.26
N GLY C 40 31.25 -8.16 0.20
CA GLY C 40 31.13 -7.18 1.25
C GLY C 40 30.82 -7.85 2.57
N PRO C 41 31.13 -7.17 3.68
CA PRO C 41 30.73 -7.68 5.00
C PRO C 41 29.23 -7.94 5.08
N ASN C 42 28.85 -9.17 5.51
CA ASN C 42 27.46 -9.64 5.56
C ASN C 42 26.73 -9.06 6.77
N PRO C 43 25.46 -8.70 6.63
CA PRO C 43 24.75 -8.11 7.76
C PRO C 43 24.58 -9.09 8.92
N GLU C 44 24.61 -8.53 10.14
CA GLU C 44 24.45 -9.31 11.37
C GLU C 44 23.01 -9.35 11.86
N THR C 45 22.17 -8.39 11.46
CA THR C 45 20.78 -8.32 11.91
C THR C 45 19.86 -8.94 10.86
N VAL C 46 18.67 -9.35 11.32
CA VAL C 46 17.70 -9.99 10.41
C VAL C 46 17.18 -8.99 9.38
N GLU C 47 17.09 -7.70 9.76
CA GLU C 47 16.69 -6.66 8.82
C GLU C 47 17.66 -6.57 7.66
N GLY C 48 18.96 -6.40 7.97
CA GLY C 48 19.97 -6.38 6.94
C GLY C 48 19.93 -7.62 6.06
N GLN C 49 19.84 -8.79 6.68
CA GLN C 49 19.80 -10.04 5.91
C GLN C 49 18.57 -10.10 5.00
N ALA C 50 17.40 -9.75 5.54
CA ALA C 50 16.18 -9.81 4.73
C ALA C 50 16.25 -8.82 3.57
N GLU C 51 16.66 -7.57 3.83
CA GLU C 51 16.84 -6.62 2.74
C GLU C 51 17.66 -7.22 1.61
N LEU C 52 18.83 -7.78 1.95
CA LEU C 52 19.68 -8.38 0.93
C LEU C 52 18.98 -9.52 0.20
N ILE C 53 18.29 -10.39 0.93
CA ILE C 53 17.56 -11.48 0.28
C ILE C 53 16.64 -10.95 -0.80
N MET C 54 15.87 -9.89 -0.47
CA MET C 54 14.88 -9.44 -1.45
C MET C 54 15.59 -8.90 -2.68
N LYS C 55 16.66 -8.12 -2.47
CA LYS C 55 17.55 -7.80 -3.57
C LYS C 55 18.04 -9.06 -4.28
N SER C 56 18.62 -10.00 -3.53
CA SER C 56 19.12 -11.22 -4.17
C SER C 56 18.04 -11.88 -5.00
N LEU C 57 16.80 -11.92 -4.47
CA LEU C 57 15.65 -12.42 -5.19
C LEU C 57 15.49 -11.69 -6.52
N ASP C 58 15.22 -10.37 -6.47
CA ASP C 58 15.07 -9.51 -7.64
C ASP C 58 16.11 -9.77 -8.74
N ALA C 59 17.38 -9.92 -8.37
CA ALA C 59 18.40 -10.19 -9.39
C ALA C 59 18.08 -11.48 -10.13
N MET C 60 17.73 -12.53 -9.38
CA MET C 60 17.47 -13.83 -9.99
CA MET C 60 17.47 -13.82 -10.00
C MET C 60 16.29 -13.76 -10.96
N LEU C 61 15.17 -13.16 -10.53
CA LEU C 61 13.96 -13.11 -11.35
C LEU C 61 14.24 -12.60 -12.74
N LYS C 62 14.71 -11.36 -12.86
CA LYS C 62 14.91 -10.84 -14.21
C LYS C 62 16.20 -11.33 -14.85
N ALA C 63 17.10 -11.97 -14.08
CA ALA C 63 18.07 -12.84 -14.75
C ALA C 63 17.36 -13.89 -15.57
N ALA C 64 16.15 -14.27 -15.15
CA ALA C 64 15.29 -15.16 -15.92
C ALA C 64 14.12 -14.40 -16.57
N GLY C 65 14.23 -13.07 -16.70
CA GLY C 65 13.14 -12.29 -17.26
C GLY C 65 11.85 -12.40 -16.49
N TYR C 66 11.93 -12.37 -15.16
CA TYR C 66 10.79 -12.43 -14.27
C TYR C 66 10.83 -11.20 -13.37
N GLU C 67 9.68 -10.85 -12.76
CA GLU C 67 9.75 -9.87 -11.68
C GLU C 67 8.55 -9.98 -10.75
N LYS C 68 8.82 -9.65 -9.48
CA LYS C 68 7.97 -9.75 -8.29
C LYS C 68 6.49 -9.99 -8.54
N THR C 69 5.91 -9.31 -9.55
CA THR C 69 4.48 -9.45 -9.85
C THR C 69 4.10 -10.89 -10.16
N ASP C 70 5.07 -11.71 -10.56
CA ASP C 70 4.86 -13.08 -11.03
C ASP C 70 5.27 -14.13 -10.00
N VAL C 71 5.70 -13.70 -8.83
CA VAL C 71 5.90 -14.62 -7.74
C VAL C 71 4.55 -15.13 -7.27
N VAL C 72 4.42 -16.44 -7.13
CA VAL C 72 3.19 -17.08 -6.69
C VAL C 72 3.29 -17.61 -5.26
N LYS C 73 4.42 -18.21 -4.93
CA LYS C 73 4.62 -18.74 -3.60
C LYS C 73 6.03 -18.39 -3.15
N CYS C 74 6.16 -18.00 -1.90
CA CYS C 74 7.46 -17.89 -1.26
C CYS C 74 7.35 -18.71 -0.01
N ASN C 75 8.39 -19.51 0.22
CA ASN C 75 8.62 -20.14 1.50
C ASN C 75 9.68 -19.33 2.19
N CYS C 76 9.47 -19.06 3.48
CA CYS C 76 10.35 -18.22 4.26
C CYS C 76 10.66 -18.89 5.60
N TYR C 77 11.82 -18.60 6.16
CA TYR C 77 12.30 -19.29 7.36
C TYR C 77 13.06 -18.32 8.25
N LEU C 78 12.76 -18.33 9.57
CA LEU C 78 13.41 -17.44 10.53
C LEU C 78 14.13 -18.22 11.63
N ALA C 79 15.25 -17.66 12.10
CA ALA C 79 15.96 -18.29 13.20
C ALA C 79 15.30 -18.02 14.54
N ASP C 80 14.74 -16.83 14.72
CA ASP C 80 13.84 -16.53 15.82
C ASP C 80 12.54 -15.99 15.25
N ILE C 81 11.41 -16.61 15.62
CA ILE C 81 10.13 -16.13 15.14
C ILE C 81 9.76 -14.78 15.72
N ALA C 82 10.52 -14.27 16.70
CA ALA C 82 10.36 -12.88 17.09
C ALA C 82 10.70 -11.92 15.95
N ASP C 83 11.48 -12.36 14.95
CA ASP C 83 11.76 -11.57 13.75
C ASP C 83 10.57 -11.51 12.77
N PHE C 84 9.42 -12.06 13.14
CA PHE C 84 8.32 -12.21 12.19
C PHE C 84 7.83 -10.86 11.68
N GLN C 85 7.61 -9.90 12.60
N GLN C 85 7.64 -9.88 12.58
CA GLN C 85 7.18 -8.56 12.23
CA GLN C 85 7.15 -8.57 12.13
C GLN C 85 8.19 -7.90 11.28
C GLN C 85 8.19 -7.84 11.28
N LYS C 86 9.47 -7.94 11.65
CA LYS C 86 10.48 -7.23 10.86
C LYS C 86 10.59 -7.80 9.45
N PHE C 87 10.44 -9.12 9.30
CA PHE C 87 10.60 -9.71 7.99
C PHE C 87 9.43 -9.34 7.08
N ASN C 88 8.20 -9.53 7.59
CA ASN C 88 7.01 -9.18 6.83
C ASN C 88 7.11 -7.79 6.18
N LYS C 89 7.58 -6.81 6.97
CA LYS C 89 7.74 -5.42 6.53
C LYS C 89 8.71 -5.29 5.36
N ILE C 90 9.89 -5.92 5.47
CA ILE C 90 10.85 -5.88 4.39
C ILE C 90 10.29 -6.59 3.17
N TYR C 91 9.72 -7.77 3.39
CA TYR C 91 9.12 -8.54 2.32
C TYR C 91 7.97 -7.75 1.69
N ALA C 92 7.11 -7.19 2.54
CA ALA C 92 6.04 -6.31 2.09
C ALA C 92 6.57 -5.14 1.26
N ASP C 93 7.67 -4.52 1.68
CA ASP C 93 8.17 -3.36 0.93
C ASP C 93 8.59 -3.76 -0.46
N TYR C 94 9.21 -4.93 -0.59
CA TYR C 94 9.63 -5.41 -1.90
C TYR C 94 8.44 -5.69 -2.80
N PHE C 95 7.42 -6.38 -2.28
CA PHE C 95 6.33 -6.76 -3.16
C PHE C 95 5.27 -5.68 -3.34
N GLY C 96 5.18 -4.71 -2.44
CA GLY C 96 4.20 -3.65 -2.66
C GLY C 96 2.79 -4.16 -2.46
N ASP C 97 1.89 -3.86 -3.39
CA ASP C 97 0.52 -4.36 -3.20
C ASP C 97 0.35 -5.79 -3.68
N HIS C 98 1.33 -6.35 -4.37
CA HIS C 98 1.24 -7.74 -4.84
C HIS C 98 1.38 -8.72 -3.67
N LYS C 99 0.43 -9.64 -3.55
CA LYS C 99 0.46 -10.62 -2.44
C LYS C 99 0.58 -12.04 -2.95
N PRO C 100 1.78 -12.64 -2.94
CA PRO C 100 1.90 -14.06 -3.25
C PRO C 100 1.38 -14.93 -2.11
N CYS C 101 1.28 -16.23 -2.38
CA CYS C 101 1.10 -17.19 -1.31
C CYS C 101 2.36 -17.26 -0.47
N ARG C 102 2.21 -17.75 0.76
CA ARG C 102 3.35 -17.70 1.64
C ARG C 102 3.22 -18.69 2.78
N CYS C 103 4.32 -19.39 3.03
CA CYS C 103 4.50 -20.14 4.25
CA CYS C 103 4.52 -20.15 4.25
C CYS C 103 5.75 -19.59 4.92
N CYS C 104 5.63 -19.24 6.18
CA CYS C 104 6.73 -18.67 6.94
C CYS C 104 6.81 -19.41 8.27
N ILE C 105 7.94 -20.08 8.49
CA ILE C 105 8.10 -20.86 9.69
C ILE C 105 9.43 -20.46 10.31
N GLN C 106 9.55 -20.75 11.59
CA GLN C 106 10.80 -20.60 12.31
C GLN C 106 11.47 -21.96 12.38
N ALA C 107 12.51 -22.13 11.56
CA ALA C 107 13.29 -23.36 11.57
C ALA C 107 13.99 -23.53 12.92
N GLY C 108 14.41 -24.76 13.22
CA GLY C 108 15.21 -24.98 14.41
C GLY C 108 16.53 -24.22 14.37
N LYS C 109 17.37 -24.52 13.37
CA LYS C 109 18.50 -23.67 12.99
C LYS C 109 18.48 -23.47 11.48
N LEU C 110 19.29 -22.53 11.01
CA LEU C 110 19.48 -22.30 9.59
C LEU C 110 20.96 -22.41 9.25
N PRO C 111 21.29 -22.78 8.00
CA PRO C 111 22.70 -22.89 7.59
C PRO C 111 23.47 -21.63 7.95
N ALA C 112 24.74 -21.81 8.30
CA ALA C 112 25.69 -20.71 8.43
C ALA C 112 25.36 -19.80 9.61
N GLY C 113 24.49 -20.26 10.52
CA GLY C 113 24.06 -19.43 11.64
C GLY C 113 23.24 -18.24 11.23
N LYS C 114 22.51 -18.34 10.13
CA LYS C 114 21.79 -17.21 9.55
C LYS C 114 20.38 -17.10 10.15
N LEU C 115 19.84 -15.88 10.06
CA LEU C 115 18.64 -15.52 10.80
C LEU C 115 17.37 -15.57 9.95
N VAL C 116 17.49 -15.65 8.63
CA VAL C 116 16.35 -15.64 7.73
C VAL C 116 16.79 -16.26 6.41
N GLU C 117 15.90 -17.08 5.82
CA GLU C 117 16.12 -17.66 4.51
C GLU C 117 14.79 -17.66 3.76
N LEU C 118 14.87 -17.57 2.44
CA LEU C 118 13.65 -17.55 1.63
C LEU C 118 13.89 -18.25 0.33
N ASP C 119 12.87 -18.94 -0.17
CA ASP C 119 12.90 -19.42 -1.55
C ASP C 119 11.58 -19.07 -2.21
N ALA C 120 11.50 -19.20 -3.52
CA ALA C 120 10.37 -18.63 -4.22
C ALA C 120 10.03 -19.44 -5.45
N ILE C 121 8.77 -19.33 -5.85
CA ILE C 121 8.22 -19.96 -7.04
C ILE C 121 7.51 -18.85 -7.79
N ALA C 122 7.90 -18.61 -9.02
CA ALA C 122 7.34 -17.57 -9.87
C ALA C 122 6.69 -18.21 -11.09
N TYR C 123 5.71 -17.51 -11.65
CA TYR C 123 4.95 -18.00 -12.79
C TYR C 123 4.60 -16.84 -13.70
N LYS C 124 5.02 -16.93 -14.95
CA LYS C 124 4.62 -16.00 -16.01
C LYS C 124 3.52 -16.61 -16.85
N GLN D 19 9.29 5.42 -30.20
CA GLN D 19 7.92 5.23 -29.72
C GLN D 19 7.48 6.37 -28.78
N ALA D 20 7.77 6.23 -27.49
CA ALA D 20 7.33 7.16 -26.45
C ALA D 20 8.53 7.65 -25.64
N ARG D 21 8.33 8.75 -24.90
CA ARG D 21 9.43 9.41 -24.21
C ARG D 21 8.93 10.11 -22.95
N LEU D 22 9.42 9.71 -21.79
CA LEU D 22 8.93 10.26 -20.53
C LEU D 22 9.93 11.27 -19.98
N CYS D 23 9.46 12.50 -19.82
CA CYS D 23 10.26 13.62 -19.33
C CYS D 23 9.61 14.07 -18.02
N ASP D 24 10.23 13.72 -16.89
CA ASP D 24 9.75 14.12 -15.57
C ASP D 24 8.34 13.58 -15.33
N ARG D 25 7.31 14.42 -15.35
CA ARG D 25 5.97 13.90 -15.09
C ARG D 25 5.17 13.71 -16.37
N THR D 26 5.76 14.02 -17.51
CA THR D 26 5.04 14.15 -18.77
C THR D 26 5.59 13.13 -19.74
N LEU D 27 4.69 12.40 -20.38
CA LEU D 27 5.06 11.35 -21.31
C LEU D 27 4.68 11.78 -22.71
N TYR D 28 5.68 11.81 -23.61
CA TYR D 28 5.47 12.10 -25.03
C TYR D 28 5.45 10.82 -25.86
N MET D 60 1.68 1.58 -24.95
CA MET D 60 2.79 2.45 -24.56
C MET D 60 2.52 3.08 -23.20
N LEU D 61 1.27 3.44 -22.97
CA LEU D 61 0.89 4.01 -21.68
C LEU D 61 1.31 3.09 -20.54
N LYS D 62 0.74 1.88 -20.50
CA LYS D 62 1.11 0.91 -19.49
C LYS D 62 2.58 0.50 -19.58
N ALA D 63 3.19 0.61 -20.76
CA ALA D 63 4.62 0.33 -20.88
C ALA D 63 5.46 1.25 -20.00
N ALA D 64 5.01 2.50 -19.81
CA ALA D 64 5.74 3.44 -18.99
C ALA D 64 5.02 3.74 -17.68
N GLY D 65 4.05 2.89 -17.31
CA GLY D 65 3.37 3.05 -16.05
C GLY D 65 2.21 4.01 -16.10
N TYR D 66 1.66 4.29 -17.27
CA TYR D 66 0.54 5.20 -17.43
C TYR D 66 -0.70 4.45 -17.90
N GLU D 67 -1.83 5.13 -17.80
CA GLU D 67 -3.10 4.61 -18.27
C GLU D 67 -3.82 5.78 -18.93
N LYS D 68 -4.80 5.48 -19.77
CA LYS D 68 -5.46 6.54 -20.52
C LYS D 68 -6.23 7.52 -19.63
N THR D 69 -6.47 7.20 -18.34
CA THR D 69 -6.93 8.26 -17.45
C THR D 69 -5.84 9.28 -17.14
N ASP D 70 -4.61 9.06 -17.63
CA ASP D 70 -3.49 9.99 -17.50
C ASP D 70 -3.21 10.79 -18.76
N VAL D 71 -3.77 10.42 -19.92
CA VAL D 71 -3.55 11.23 -21.12
C VAL D 71 -4.22 12.59 -20.92
N VAL D 72 -3.62 13.63 -21.47
CA VAL D 72 -4.15 14.99 -21.34
C VAL D 72 -4.41 15.65 -22.68
N LYS D 73 -3.87 15.12 -23.79
CA LYS D 73 -4.08 15.66 -25.11
C LYS D 73 -3.88 14.54 -26.14
N CYS D 74 -4.68 14.56 -27.20
CA CYS D 74 -4.55 13.65 -28.32
C CYS D 74 -4.62 14.45 -29.62
N ASN D 75 -3.52 14.46 -30.36
CA ASN D 75 -3.48 15.13 -31.66
C ASN D 75 -4.07 14.21 -32.71
N CYS D 76 -5.07 14.72 -33.44
CA CYS D 76 -5.73 13.99 -34.53
C CYS D 76 -5.77 14.80 -35.83
N ALA D 120 -0.03 11.67 -28.75
CA ALA D 120 -0.60 11.99 -27.43
C ALA D 120 0.44 12.47 -26.40
N ILE D 121 -0.08 13.01 -25.30
CA ILE D 121 0.71 13.44 -24.16
C ILE D 121 -0.05 12.98 -22.92
N ALA D 122 0.64 12.22 -22.07
CA ALA D 122 0.09 11.78 -20.80
C ALA D 122 0.88 12.44 -19.68
N TYR D 123 0.23 12.54 -18.51
CA TYR D 123 0.78 13.28 -17.39
C TYR D 123 0.22 12.70 -16.10
N LYS D 124 1.06 12.59 -15.07
CA LYS D 124 0.55 12.19 -13.75
C LYS D 124 1.45 12.73 -12.62
#